data_3CA3
#
_entry.id   3CA3
#
_cell.length_a   126.124
_cell.length_b   126.124
_cell.length_c   76.039
_cell.angle_alpha   90.00
_cell.angle_beta   90.00
_cell.angle_gamma   90.00
#
_symmetry.space_group_name_H-M   'I 41 2 2'
#
loop_
_entity.id
_entity.type
_entity.pdbx_description
1 polymer 'Agglutinin II'
2 branched alpha-L-fucopyranose-(1-3)-[2-acetamido-2-deoxy-beta-D-glucopyranose-(1-4)]2-acetamido-2-deoxy-beta-D-glucopyranose
3 branched 2-acetamido-2-deoxy-beta-D-glucopyranose-(1-4)-2-acetamido-2-deoxy-beta-D-glucopyranose
4 non-polymer 2-acetamido-2-deoxy-beta-D-glucopyranose
5 non-polymer 2-acetamido-2-deoxy-alpha-D-galactopyranose
6 non-polymer 2-acetamido-2-deoxy-beta-D-galactopyranose
7 non-polymer 'SULFATE ION'
8 non-polymer 'ACETATE ION'
9 water water
#
_entity_poly.entity_id   1
_entity_poly.type   'polypeptide(L)'
_entity_poly.pdbx_seq_one_letter_code
;TSFTRNIVGRDGLCVDVRNGYDTDGTPLQLWPCGTQRNQRWTFDSDDTIRSMGKCMTANGLNNGSNIVIFNCSTAAENAI
KWEVPIDGSIINPSSGLVMTAPRAASRTILLLEDNIYAASQGWTVTNNVKPIVASIVGYKEMCLQSNGENNGVWMEDCEA
TSLQQQWALYGDRTIRVNSTRGLCVTTNGYNSKDLIIILKCQGLPSQRWFFNSDGAIVNPKSRLVMDVRASNVSLREIII
FPATGNPNQQWVTQVLPS
;
_entity_poly.pdbx_strand_id   A
#
loop_
_chem_comp.id
_chem_comp.type
_chem_comp.name
_chem_comp.formula
A2G D-saccharide, alpha linking 2-acetamido-2-deoxy-alpha-D-galactopyranose 'C8 H15 N O6'
ACT non-polymer 'ACETATE ION' 'C2 H3 O2 -1'
FUC L-saccharide, alpha linking alpha-L-fucopyranose 'C6 H12 O5'
NAG D-saccharide, beta linking 2-acetamido-2-deoxy-beta-D-glucopyranose 'C8 H15 N O6'
NGA D-saccharide, beta linking 2-acetamido-2-deoxy-beta-D-galactopyranose 'C8 H15 N O6'
SO4 non-polymer 'SULFATE ION' 'O4 S -2'
#
# COMPACT_ATOMS: atom_id res chain seq x y z
N THR A 1 -10.78 17.06 -16.66
CA THR A 1 -11.41 15.86 -15.97
C THR A 1 -10.62 14.55 -16.08
N SER A 2 -9.43 14.63 -16.65
CA SER A 2 -8.51 13.51 -16.55
C SER A 2 -7.17 13.97 -16.09
N PHE A 3 -6.46 13.05 -15.45
CA PHE A 3 -5.10 13.27 -15.01
C PHE A 3 -4.34 11.95 -15.11
N THR A 4 -3.00 12.05 -15.17
CA THR A 4 -2.17 10.89 -15.47
C THR A 4 -1.09 10.74 -14.40
N ARG A 5 -0.88 9.48 -13.97
CA ARG A 5 0.03 9.15 -12.90
C ARG A 5 0.61 7.76 -13.14
N ASN A 6 1.63 7.40 -12.33
CA ASN A 6 2.02 6.00 -12.18
C ASN A 6 1.15 5.33 -11.14
N ILE A 7 1.16 3.99 -11.13
N ILE A 7 1.16 3.99 -11.09
CA ILE A 7 0.51 3.25 -10.03
CA ILE A 7 0.45 3.27 -10.01
C ILE A 7 1.58 2.39 -9.41
C ILE A 7 1.44 2.31 -9.36
N VAL A 8 1.85 2.65 -8.13
CA VAL A 8 2.91 1.96 -7.40
C VAL A 8 2.27 0.93 -6.47
N GLY A 9 2.81 -0.30 -6.44
CA GLY A 9 2.30 -1.36 -5.54
C GLY A 9 3.41 -2.18 -4.93
N ARG A 10 3.17 -3.51 -4.90
CA ARG A 10 3.99 -4.45 -4.14
C ARG A 10 5.47 -4.23 -4.30
N ASP A 11 6.20 -4.08 -3.20
CA ASP A 11 7.66 -3.88 -3.20
C ASP A 11 8.10 -2.60 -3.91
N GLY A 12 7.17 -1.66 -4.13
CA GLY A 12 7.52 -0.43 -4.82
C GLY A 12 7.65 -0.52 -6.32
N LEU A 13 7.26 -1.64 -6.88
CA LEU A 13 7.17 -1.80 -8.34
C LEU A 13 5.89 -1.18 -8.85
N CYS A 14 5.84 -0.94 -10.14
CA CYS A 14 4.72 -0.24 -10.75
C CYS A 14 3.89 -1.16 -11.67
N VAL A 15 2.62 -0.76 -11.86
CA VAL A 15 1.70 -1.40 -12.79
C VAL A 15 2.15 -1.04 -14.20
N ASP A 16 2.39 -2.08 -15.02
CA ASP A 16 3.09 -1.99 -16.28
C ASP A 16 2.43 -2.89 -17.26
N VAL A 17 2.10 -2.34 -18.44
CA VAL A 17 1.53 -3.18 -19.53
C VAL A 17 2.72 -3.95 -20.17
N ARG A 18 2.63 -5.30 -20.13
CA ARG A 18 3.78 -6.17 -20.34
C ARG A 18 4.39 -5.99 -21.73
N ASN A 19 5.71 -5.77 -21.71
CA ASN A 19 6.51 -5.52 -22.90
C ASN A 19 6.24 -4.21 -23.60
N GLY A 20 5.36 -3.38 -23.03
CA GLY A 20 4.92 -2.18 -23.70
C GLY A 20 4.02 -2.39 -24.89
N TYR A 21 3.51 -3.61 -25.08
CA TYR A 21 2.58 -3.91 -26.15
C TYR A 21 1.23 -3.33 -25.83
N ASP A 22 0.55 -2.81 -26.85
CA ASP A 22 -0.82 -2.32 -26.73
C ASP A 22 -1.87 -3.18 -27.37
N THR A 23 -1.53 -4.37 -27.85
N THR A 23 -1.50 -4.42 -27.73
CA THR A 23 -2.54 -5.21 -28.45
CA THR A 23 -2.44 -5.37 -28.30
C THR A 23 -3.51 -5.67 -27.32
C THR A 23 -3.53 -5.72 -27.25
N ASP A 24 -4.77 -5.79 -27.70
CA ASP A 24 -5.83 -6.17 -26.77
C ASP A 24 -5.46 -7.46 -26.05
N GLY A 25 -5.68 -7.47 -24.74
CA GLY A 25 -5.41 -8.65 -24.00
C GLY A 25 -4.06 -8.72 -23.33
N THR A 26 -3.20 -7.75 -23.61
CA THR A 26 -1.85 -7.75 -23.02
C THR A 26 -1.97 -7.64 -21.52
N PRO A 27 -1.43 -8.64 -20.78
N PRO A 27 -1.30 -8.54 -20.78
CA PRO A 27 -1.43 -8.58 -19.31
CA PRO A 27 -1.54 -8.48 -19.34
C PRO A 27 -0.81 -7.33 -18.69
C PRO A 27 -0.73 -7.43 -18.61
N LEU A 28 -1.30 -6.98 -17.51
CA LEU A 28 -0.62 -6.06 -16.59
C LEU A 28 0.30 -6.88 -15.65
N GLN A 29 1.43 -6.29 -15.31
CA GLN A 29 2.41 -6.90 -14.51
C GLN A 29 3.04 -5.86 -13.59
N LEU A 30 3.85 -6.33 -12.64
CA LEU A 30 4.79 -5.47 -11.91
C LEU A 30 6.09 -5.32 -12.67
N TRP A 31 6.61 -4.09 -12.66
CA TRP A 31 7.90 -3.81 -13.26
C TRP A 31 8.49 -2.59 -12.52
N PRO A 32 9.84 -2.49 -12.42
CA PRO A 32 10.40 -1.31 -11.77
C PRO A 32 9.87 0.01 -12.41
N CYS A 33 9.63 0.99 -11.58
CA CYS A 33 8.91 2.18 -12.01
C CYS A 33 9.77 3.03 -12.96
N GLY A 34 9.08 3.57 -13.94
CA GLY A 34 9.69 4.54 -14.89
C GLY A 34 8.65 5.39 -15.57
N THR A 35 9.09 6.19 -16.53
CA THR A 35 8.27 7.14 -17.19
C THR A 35 7.69 6.62 -18.52
N GLN A 36 7.98 5.35 -18.87
CA GLN A 36 7.46 4.80 -20.13
C GLN A 36 5.98 4.83 -20.19
N ARG A 37 5.43 4.98 -21.39
CA ARG A 37 4.04 5.20 -21.57
C ARG A 37 3.13 4.10 -21.03
N ASN A 38 3.67 2.86 -21.03
CA ASN A 38 2.93 1.68 -20.58
C ASN A 38 2.92 1.57 -19.05
N GLN A 39 3.48 2.58 -18.38
CA GLN A 39 3.30 2.80 -16.94
C GLN A 39 2.53 4.07 -16.58
N ARG A 40 2.07 4.80 -17.59
CA ARG A 40 1.38 6.06 -17.36
C ARG A 40 -0.09 5.80 -17.51
N TRP A 41 -0.83 5.98 -16.41
CA TRP A 41 -2.24 5.65 -16.33
C TRP A 41 -3.05 6.93 -16.19
N THR A 42 -4.02 7.11 -17.07
CA THR A 42 -4.90 8.28 -17.09
C THR A 42 -6.23 7.90 -16.47
N PHE A 43 -6.60 8.65 -15.42
CA PHE A 43 -7.83 8.43 -14.69
C PHE A 43 -8.84 9.43 -15.21
N ASP A 44 -9.93 8.91 -15.76
CA ASP A 44 -10.99 9.68 -16.45
C ASP A 44 -12.22 9.68 -15.55
N SER A 45 -13.04 10.72 -15.71
CA SER A 45 -14.26 10.82 -14.92
C SER A 45 -15.26 9.69 -15.15
N ASP A 46 -15.10 8.92 -16.21
CA ASP A 46 -15.91 7.73 -16.47
C ASP A 46 -15.50 6.42 -15.74
N ASP A 47 -14.57 6.58 -14.79
CA ASP A 47 -14.09 5.52 -13.95
C ASP A 47 -13.24 4.50 -14.68
N THR A 48 -12.76 4.89 -15.85
CA THR A 48 -11.75 4.09 -16.55
C THR A 48 -10.33 4.53 -16.17
N ILE A 49 -9.37 3.64 -16.39
CA ILE A 49 -7.96 3.88 -16.11
C ILE A 49 -7.27 3.39 -17.37
N ARG A 50 -6.63 4.31 -18.06
CA ARG A 50 -6.15 4.08 -19.40
C ARG A 50 -4.63 4.22 -19.55
N SER A 51 -4.03 3.36 -20.41
CA SER A 51 -2.66 3.48 -20.80
C SER A 51 -2.60 3.24 -22.28
N MET A 52 -1.79 4.07 -22.95
CA MET A 52 -1.63 3.92 -24.41
C MET A 52 -2.98 3.92 -25.16
N GLY A 53 -3.93 4.72 -24.64
CA GLY A 53 -5.22 4.89 -25.25
C GLY A 53 -6.20 3.76 -25.06
N LYS A 54 -5.81 2.75 -24.28
CA LYS A 54 -6.64 1.58 -24.03
C LYS A 54 -6.94 1.50 -22.52
N CYS A 55 -7.84 0.64 -22.17
CA CYS A 55 -8.37 0.56 -20.81
C CYS A 55 -7.82 -0.63 -20.02
N MET A 56 -7.55 -0.38 -18.76
CA MET A 56 -7.36 -1.45 -17.79
C MET A 56 -8.67 -2.24 -17.73
N THR A 57 -8.57 -3.54 -17.96
CA THR A 57 -9.74 -4.42 -18.20
C THR A 57 -9.60 -5.75 -17.47
N ALA A 58 -10.66 -6.12 -16.75
CA ALA A 58 -10.77 -7.44 -16.13
C ALA A 58 -11.07 -8.46 -17.21
N ASN A 59 -10.17 -9.45 -17.38
CA ASN A 59 -10.40 -10.46 -18.45
C ASN A 59 -11.09 -11.55 -17.75
N GLY A 60 -12.34 -11.29 -17.45
CA GLY A 60 -13.08 -12.11 -16.53
C GLY A 60 -13.26 -11.46 -15.21
N LEU A 61 -14.31 -11.89 -14.52
CA LEU A 61 -14.68 -11.29 -13.23
C LEU A 61 -14.78 -12.36 -12.09
N ASN A 62 -13.86 -13.31 -12.11
CA ASN A 62 -13.73 -14.36 -11.10
C ASN A 62 -12.43 -14.28 -10.30
N ASN A 63 -12.38 -14.98 -9.15
CA ASN A 63 -11.18 -15.06 -8.29
C ASN A 63 -10.09 -15.66 -9.13
N GLY A 64 -9.05 -14.88 -9.39
CA GLY A 64 -7.88 -15.30 -10.14
C GLY A 64 -7.89 -14.82 -11.57
N SER A 65 -8.92 -14.07 -11.97
CA SER A 65 -8.99 -13.56 -13.33
C SER A 65 -7.86 -12.54 -13.58
N ASN A 66 -7.31 -12.59 -14.75
CA ASN A 66 -6.28 -11.66 -15.17
C ASN A 66 -6.80 -10.27 -15.51
N ILE A 67 -5.95 -9.28 -15.30
CA ILE A 67 -6.21 -7.89 -15.68
C ILE A 67 -5.25 -7.59 -16.87
N VAL A 68 -5.83 -6.96 -17.88
CA VAL A 68 -5.18 -6.72 -19.16
C VAL A 68 -5.47 -5.31 -19.63
N ILE A 69 -4.86 -4.92 -20.73
CA ILE A 69 -5.26 -3.71 -21.46
C ILE A 69 -6.18 -4.17 -22.58
N PHE A 70 -7.19 -3.37 -22.88
CA PHE A 70 -8.16 -3.69 -23.94
C PHE A 70 -8.81 -2.42 -24.41
N ASN A 71 -9.10 -2.39 -25.70
CA ASN A 71 -9.87 -1.30 -26.31
C ASN A 71 -11.07 -0.93 -25.43
N CYS A 72 -11.17 0.34 -25.07
CA CYS A 72 -12.19 0.83 -24.18
C CYS A 72 -13.59 0.73 -24.72
N SER A 73 -13.73 0.85 -26.04
N SER A 73 -13.77 0.84 -26.03
CA SER A 73 -15.04 0.84 -26.65
CA SER A 73 -15.14 0.81 -26.57
C SER A 73 -15.61 -0.55 -26.83
C SER A 73 -15.64 -0.58 -26.85
N THR A 74 -14.76 -1.54 -27.04
CA THR A 74 -15.19 -2.90 -27.35
C THR A 74 -15.21 -3.85 -26.17
N ALA A 75 -14.45 -3.52 -25.12
CA ALA A 75 -14.53 -4.28 -23.89
C ALA A 75 -15.88 -4.16 -23.24
N ALA A 76 -16.21 -5.13 -22.40
CA ALA A 76 -17.44 -5.04 -21.60
C ALA A 76 -17.35 -3.92 -20.58
N GLU A 77 -18.43 -3.16 -20.43
CA GLU A 77 -18.45 -1.98 -19.59
C GLU A 77 -18.10 -2.40 -18.15
N ASN A 78 -18.59 -3.55 -17.71
CA ASN A 78 -18.36 -4.03 -16.33
C ASN A 78 -16.89 -4.24 -16.06
N ALA A 79 -16.16 -4.58 -17.13
CA ALA A 79 -14.76 -4.99 -17.04
C ALA A 79 -13.79 -3.82 -17.02
N ILE A 80 -14.23 -2.61 -17.42
CA ILE A 80 -13.35 -1.46 -17.56
C ILE A 80 -13.59 -0.33 -16.54
N LYS A 81 -14.48 -0.59 -15.57
CA LYS A 81 -14.74 0.42 -14.51
C LYS A 81 -14.03 0.00 -13.23
N TRP A 82 -13.39 0.98 -12.60
CA TRP A 82 -12.59 0.77 -11.42
C TRP A 82 -12.83 1.91 -10.45
N GLU A 83 -12.62 1.65 -9.17
N GLU A 83 -12.59 1.64 -9.17
CA GLU A 83 -12.65 2.68 -8.12
CA GLU A 83 -12.54 2.67 -8.14
C GLU A 83 -11.38 2.50 -7.29
C GLU A 83 -11.30 2.52 -7.36
N VAL A 84 -10.95 3.59 -6.67
CA VAL A 84 -9.70 3.70 -5.91
C VAL A 84 -10.06 4.12 -4.47
N PRO A 85 -10.43 3.13 -3.65
CA PRO A 85 -10.78 3.43 -2.28
C PRO A 85 -9.65 4.12 -1.53
N ILE A 86 -10.00 4.88 -0.47
CA ILE A 86 -9.04 5.68 0.22
C ILE A 86 -7.95 4.84 0.90
N ASP A 87 -8.21 3.57 1.18
CA ASP A 87 -7.23 2.71 1.79
C ASP A 87 -6.23 2.12 0.81
N GLY A 88 -6.35 2.47 -0.45
CA GLY A 88 -5.32 2.11 -1.43
C GLY A 88 -5.63 0.87 -2.23
N SER A 89 -6.82 0.32 -2.07
CA SER A 89 -7.20 -0.76 -2.97
C SER A 89 -7.49 -0.20 -4.38
N ILE A 90 -7.53 -1.11 -5.35
CA ILE A 90 -8.07 -0.80 -6.68
C ILE A 90 -9.09 -1.91 -6.94
N ILE A 91 -10.37 -1.53 -6.96
CA ILE A 91 -11.46 -2.44 -7.00
C ILE A 91 -12.22 -2.33 -8.32
N ASN A 92 -12.66 -3.48 -8.81
CA ASN A 92 -13.61 -3.58 -9.90
C ASN A 92 -15.01 -3.66 -9.29
N PRO A 93 -15.79 -2.58 -9.43
CA PRO A 93 -17.09 -2.57 -8.74
C PRO A 93 -18.03 -3.71 -9.07
N SER A 94 -18.02 -4.14 -10.33
CA SER A 94 -18.95 -5.22 -10.78
C SER A 94 -18.77 -6.53 -10.01
N SER A 95 -17.52 -6.98 -9.92
CA SER A 95 -17.15 -8.22 -9.26
C SER A 95 -16.90 -8.08 -7.76
N GLY A 96 -16.52 -6.86 -7.33
CA GLY A 96 -16.03 -6.66 -5.97
C GLY A 96 -14.65 -7.18 -5.69
N LEU A 97 -13.98 -7.67 -6.72
CA LEU A 97 -12.65 -8.23 -6.57
C LEU A 97 -11.66 -7.06 -6.68
N VAL A 98 -10.45 -7.27 -6.17
CA VAL A 98 -9.48 -6.21 -6.13
C VAL A 98 -8.16 -6.63 -6.81
N MET A 99 -7.46 -5.63 -7.36
N MET A 99 -7.46 -5.64 -7.36
CA MET A 99 -6.16 -5.83 -7.99
CA MET A 99 -6.21 -5.89 -8.03
C MET A 99 -5.18 -6.40 -6.97
C MET A 99 -5.15 -6.37 -7.03
N THR A 100 -4.52 -7.51 -7.34
CA THR A 100 -3.60 -8.23 -6.45
C THR A 100 -2.33 -8.58 -7.19
N ALA A 101 -1.21 -8.38 -6.51
CA ALA A 101 0.12 -8.86 -7.01
C ALA A 101 0.46 -10.12 -6.26
N PRO A 102 0.29 -11.30 -6.87
CA PRO A 102 0.42 -12.53 -6.03
C PRO A 102 1.84 -12.93 -5.63
N ARG A 103 2.83 -12.34 -6.28
CA ARG A 103 4.24 -12.48 -5.96
C ARG A 103 4.90 -11.08 -5.96
N ALA A 104 6.07 -10.95 -5.34
CA ALA A 104 6.78 -9.65 -5.30
C ALA A 104 7.66 -9.36 -6.58
N ALA A 105 7.92 -10.41 -7.32
CA ALA A 105 8.91 -10.37 -8.37
C ALA A 105 8.50 -9.50 -9.50
N SER A 106 9.49 -8.89 -10.16
N SER A 106 9.49 -8.86 -10.15
CA SER A 106 9.23 -8.28 -11.48
CA SER A 106 9.25 -8.29 -11.47
C SER A 106 8.67 -9.35 -12.42
C SER A 106 8.56 -9.37 -12.33
N ARG A 107 7.73 -8.92 -13.27
CA ARG A 107 7.02 -9.77 -14.19
C ARG A 107 5.87 -10.61 -13.61
N THR A 108 5.58 -10.39 -12.32
CA THR A 108 4.38 -10.95 -11.75
C THR A 108 3.17 -10.35 -12.41
N ILE A 109 2.23 -11.21 -12.83
N ILE A 109 2.28 -11.22 -12.86
CA ILE A 109 1.02 -10.81 -13.53
CA ILE A 109 1.04 -10.88 -13.48
C ILE A 109 -0.16 -10.57 -12.59
C ILE A 109 0.05 -10.43 -12.43
N LEU A 110 -0.78 -9.41 -12.76
CA LEU A 110 -1.76 -8.90 -11.83
C LEU A 110 -3.09 -9.58 -12.06
N LEU A 111 -3.74 -9.91 -10.91
CA LEU A 111 -4.96 -10.67 -10.94
C LEU A 111 -6.03 -9.95 -10.11
N LEU A 112 -7.27 -10.23 -10.43
CA LEU A 112 -8.41 -9.87 -9.55
C LEU A 112 -8.56 -11.00 -8.58
N GLU A 113 -8.60 -10.69 -7.28
CA GLU A 113 -8.85 -11.72 -6.30
C GLU A 113 -9.76 -11.16 -5.20
N ASP A 114 -10.28 -12.10 -4.43
CA ASP A 114 -11.08 -11.72 -3.23
C ASP A 114 -10.31 -10.76 -2.38
N ASN A 115 -10.96 -9.70 -1.90
CA ASN A 115 -10.28 -8.74 -1.03
C ASN A 115 -10.08 -9.36 0.32
N ILE A 116 -8.83 -9.42 0.72
CA ILE A 116 -8.42 -9.85 2.10
C ILE A 116 -7.64 -8.72 2.80
N TYR A 117 -7.64 -7.53 2.19
CA TYR A 117 -6.90 -6.36 2.68
C TYR A 117 -5.41 -6.66 2.82
N ALA A 118 -4.87 -7.45 1.87
CA ALA A 118 -3.48 -7.79 1.93
C ALA A 118 -2.61 -6.61 1.44
N ALA A 119 -1.35 -6.56 1.88
CA ALA A 119 -0.40 -5.61 1.31
C ALA A 119 -0.18 -5.88 -0.16
N SER A 120 -0.36 -7.14 -0.60
CA SER A 120 -0.34 -7.42 -2.04
C SER A 120 -1.47 -6.79 -2.86
N GLN A 121 -2.43 -6.21 -2.14
CA GLN A 121 -3.62 -5.57 -2.69
C GLN A 121 -3.58 -4.02 -2.43
N GLY A 122 -2.46 -3.49 -1.98
CA GLY A 122 -2.31 -2.06 -1.74
C GLY A 122 -1.63 -1.38 -2.94
N TRP A 123 -2.08 -0.18 -3.29
CA TRP A 123 -1.55 0.59 -4.43
C TRP A 123 -1.57 2.09 -4.10
N THR A 124 -0.71 2.85 -4.77
CA THR A 124 -0.66 4.29 -4.64
C THR A 124 -0.56 4.94 -6.02
N VAL A 125 -1.51 5.84 -6.28
CA VAL A 125 -1.59 6.59 -7.52
C VAL A 125 -0.80 7.89 -7.35
N THR A 126 0.32 8.02 -8.05
CA THR A 126 1.29 9.09 -7.78
C THR A 126 2.28 9.31 -8.92
N ASN A 127 2.82 10.52 -9.04
CA ASN A 127 3.94 10.75 -9.91
C ASN A 127 5.31 10.54 -9.26
N ASN A 128 5.36 10.48 -7.92
CA ASN A 128 6.61 10.20 -7.23
C ASN A 128 6.73 8.70 -7.11
N VAL A 129 7.64 8.13 -7.90
CA VAL A 129 7.74 6.65 -7.89
C VAL A 129 8.74 6.11 -6.87
N LYS A 130 9.25 6.98 -5.98
CA LYS A 130 10.07 6.52 -4.87
C LYS A 130 9.28 6.57 -3.55
N PRO A 131 9.59 5.62 -2.65
CA PRO A 131 8.91 5.62 -1.33
C PRO A 131 9.15 6.96 -0.65
N ILE A 132 8.18 7.43 0.11
CA ILE A 132 8.37 8.66 0.87
C ILE A 132 9.07 8.28 2.17
N VAL A 133 10.13 8.99 2.51
CA VAL A 133 10.94 8.69 3.72
C VAL A 133 10.67 9.75 4.80
N ALA A 134 10.21 9.26 5.96
CA ALA A 134 9.69 10.11 6.99
C ALA A 134 9.91 9.53 8.39
N SER A 135 9.94 10.40 9.38
N SER A 135 9.94 10.43 9.36
CA SER A 135 9.76 9.96 10.75
CA SER A 135 9.73 10.09 10.76
C SER A 135 8.27 9.96 11.05
C SER A 135 8.24 9.88 10.95
N ILE A 136 7.87 9.06 11.94
CA ILE A 136 6.47 8.92 12.37
C ILE A 136 6.42 9.38 13.79
N VAL A 137 5.83 10.57 13.97
CA VAL A 137 5.84 11.24 15.27
C VAL A 137 4.47 10.98 15.91
N GLY A 138 4.50 10.60 17.17
CA GLY A 138 3.31 10.22 17.90
C GLY A 138 3.25 10.81 19.28
N TYR A 139 2.76 9.97 20.20
CA TYR A 139 2.49 10.31 21.56
C TYR A 139 3.71 11.04 22.15
N LYS A 140 3.41 12.13 22.87
CA LYS A 140 4.43 12.92 23.55
C LYS A 140 5.46 13.52 22.59
N GLU A 141 5.09 13.64 21.30
CA GLU A 141 5.99 14.09 20.27
C GLU A 141 7.25 13.23 20.13
N MET A 142 7.06 11.96 20.45
N MET A 142 7.14 11.97 20.55
CA MET A 142 8.10 10.94 20.35
CA MET A 142 8.22 11.00 20.36
C MET A 142 8.07 10.37 18.93
C MET A 142 8.05 10.33 19.00
N CYS A 143 9.07 9.60 18.59
CA CYS A 143 9.18 9.00 17.26
C CYS A 143 9.09 7.48 17.33
N LEU A 144 8.34 6.90 16.41
CA LEU A 144 8.29 5.44 16.28
C LEU A 144 9.65 4.93 15.78
N GLN A 145 10.12 3.85 16.35
CA GLN A 145 11.44 3.34 16.08
C GLN A 145 11.43 1.83 15.91
N SER A 146 12.15 1.34 14.93
CA SER A 146 12.40 -0.08 14.77
C SER A 146 13.57 -0.51 15.63
N ASN A 147 13.63 -1.84 15.89
CA ASN A 147 14.63 -2.42 16.74
C ASN A 147 15.10 -3.79 16.27
N GLY A 148 15.07 -3.99 14.96
CA GLY A 148 15.50 -5.21 14.31
C GLY A 148 14.38 -6.14 13.91
N GLU A 149 14.67 -7.05 12.99
CA GLU A 149 13.71 -8.07 12.54
C GLU A 149 13.33 -8.89 13.73
N ASN A 150 12.04 -9.23 13.73
CA ASN A 150 11.39 -10.03 14.76
C ASN A 150 11.18 -9.31 16.09
N ASN A 151 11.69 -8.06 16.24
CA ASN A 151 11.50 -7.34 17.46
C ASN A 151 10.37 -6.30 17.40
N GLY A 152 9.92 -5.85 18.56
CA GLY A 152 8.90 -4.83 18.62
C GLY A 152 9.37 -3.50 18.09
N VAL A 153 8.41 -2.72 17.60
CA VAL A 153 8.64 -1.26 17.45
C VAL A 153 8.27 -0.56 18.76
N TRP A 154 8.84 0.62 18.98
CA TRP A 154 8.52 1.40 20.16
C TRP A 154 8.89 2.88 20.01
N MET A 155 8.48 3.69 21.00
CA MET A 155 8.69 5.15 20.94
C MET A 155 10.02 5.55 21.58
N GLU A 156 10.70 6.52 20.96
N GLU A 156 10.69 6.53 20.97
CA GLU A 156 11.92 7.11 21.49
CA GLU A 156 11.92 7.10 21.48
C GLU A 156 11.98 8.59 21.12
C GLU A 156 11.91 8.61 21.17
N ASP A 157 12.70 9.39 21.90
CA ASP A 157 12.89 10.80 21.57
C ASP A 157 13.34 10.90 20.11
N CYS A 158 12.73 11.83 19.36
CA CYS A 158 13.10 12.00 17.93
C CYS A 158 14.55 12.48 17.79
N GLU A 159 15.29 11.83 16.91
CA GLU A 159 16.69 12.13 16.64
C GLU A 159 16.83 12.10 15.12
N ALA A 160 17.26 13.23 14.58
CA ALA A 160 17.51 13.32 13.13
C ALA A 160 18.52 12.26 12.63
N THR A 161 19.44 11.82 13.52
CA THR A 161 20.46 10.80 13.22
C THR A 161 20.11 9.39 13.50
N SER A 162 18.88 9.10 14.00
CA SER A 162 18.49 7.70 14.20
C SER A 162 17.91 7.15 12.95
N LEU A 163 18.64 6.22 12.31
CA LEU A 163 18.16 5.57 11.12
C LEU A 163 16.99 4.71 11.43
N GLN A 164 16.88 4.15 12.64
CA GLN A 164 15.78 3.22 12.94
C GLN A 164 14.50 4.00 13.20
N GLN A 165 14.55 5.34 13.17
CA GLN A 165 13.36 6.20 13.19
C GLN A 165 12.92 6.62 11.81
N GLN A 166 13.59 6.11 10.79
CA GLN A 166 13.33 6.48 9.42
C GLN A 166 12.58 5.41 8.72
N TRP A 167 11.39 5.78 8.19
CA TRP A 167 10.45 4.84 7.59
C TRP A 167 10.20 5.14 6.13
N ALA A 168 10.22 4.10 5.32
CA ALA A 168 9.89 4.19 3.93
C ALA A 168 8.42 3.84 3.75
N LEU A 169 7.63 4.82 3.30
CA LEU A 169 6.23 4.62 3.09
C LEU A 169 6.03 4.20 1.66
N TYR A 170 5.90 2.87 1.48
CA TYR A 170 5.86 2.23 0.16
C TYR A 170 4.46 2.32 -0.48
N GLY A 171 4.41 2.22 -1.79
CA GLY A 171 3.16 2.37 -2.50
C GLY A 171 2.15 1.29 -2.26
N ASP A 172 2.60 0.11 -1.82
CA ASP A 172 1.71 -0.97 -1.45
C ASP A 172 1.14 -0.83 -0.05
N ARG A 173 1.36 0.33 0.54
CA ARG A 173 0.72 0.62 1.84
C ARG A 173 1.40 -0.11 3.02
N THR A 174 2.64 -0.53 2.78
CA THR A 174 3.51 -1.02 3.79
C THR A 174 4.37 0.12 4.37
N ILE A 175 4.79 -0.09 5.63
CA ILE A 175 5.65 0.87 6.33
C ILE A 175 6.93 0.08 6.57
N ARG A 176 8.01 0.48 5.90
CA ARG A 176 9.22 -0.31 5.90
C ARG A 176 10.37 0.35 6.57
N VAL A 177 11.26 -0.49 7.10
CA VAL A 177 12.52 0.01 7.70
C VAL A 177 13.35 0.64 6.59
N ASN A 178 13.61 1.95 6.65
CA ASN A 178 14.18 2.60 5.49
C ASN A 178 15.54 2.01 5.09
N SER A 179 16.32 1.61 6.09
N SER A 179 16.34 1.64 6.09
CA SER A 179 17.64 1.09 5.83
CA SER A 179 17.66 1.06 5.87
C SER A 179 17.67 -0.43 5.56
C SER A 179 17.61 -0.38 5.32
N THR A 180 16.50 -1.08 5.61
CA THR A 180 16.37 -2.51 5.38
C THR A 180 14.98 -2.79 4.78
N ARG A 181 14.85 -2.46 3.50
CA ARG A 181 13.54 -2.30 2.90
C ARG A 181 12.76 -3.62 2.63
N GLY A 182 13.40 -4.77 2.90
CA GLY A 182 12.75 -6.05 2.98
C GLY A 182 11.91 -6.31 4.21
N LEU A 183 11.94 -5.38 5.18
CA LEU A 183 11.29 -5.56 6.46
C LEU A 183 10.15 -4.57 6.65
N CYS A 184 9.04 -5.09 7.23
CA CYS A 184 7.77 -4.38 7.28
C CYS A 184 7.25 -4.30 8.71
N VAL A 185 6.63 -3.19 9.04
CA VAL A 185 5.86 -3.07 10.26
C VAL A 185 4.67 -4.04 10.12
N THR A 186 4.53 -4.93 11.12
CA THR A 186 3.63 -6.09 11.04
C THR A 186 2.92 -6.26 12.37
N THR A 187 1.60 -6.40 12.34
CA THR A 187 0.90 -6.77 13.56
C THR A 187 0.96 -8.29 13.74
N ASN A 188 1.19 -8.74 14.98
CA ASN A 188 1.34 -10.15 15.25
C ASN A 188 -0.03 -10.69 15.61
N GLY A 189 -0.96 -10.58 14.69
CA GLY A 189 -2.33 -11.01 14.84
C GLY A 189 -3.30 -9.88 14.57
N TYR A 190 -4.59 -10.18 14.57
CA TYR A 190 -5.60 -9.22 14.21
C TYR A 190 -6.50 -8.89 15.38
N ASN A 191 -6.09 -9.28 16.58
CA ASN A 191 -6.85 -9.04 17.77
C ASN A 191 -6.38 -7.83 18.59
N SER A 192 -7.30 -7.25 19.34
N SER A 192 -7.30 -7.27 19.37
CA SER A 192 -6.94 -6.12 20.18
CA SER A 192 -6.94 -6.20 20.29
C SER A 192 -5.82 -6.52 21.15
C SER A 192 -5.72 -6.60 21.11
N LYS A 193 -4.80 -5.66 21.21
CA LYS A 193 -3.56 -5.82 22.00
C LYS A 193 -2.47 -6.66 21.37
N ASP A 194 -2.69 -7.14 20.15
CA ASP A 194 -1.61 -7.83 19.47
C ASP A 194 -0.48 -6.83 19.24
N LEU A 195 0.75 -7.31 19.37
CA LEU A 195 1.92 -6.45 19.32
C LEU A 195 2.32 -6.17 17.89
N ILE A 196 2.86 -4.97 17.65
CA ILE A 196 3.38 -4.57 16.36
C ILE A 196 4.90 -4.75 16.40
N ILE A 197 5.40 -5.47 15.41
CA ILE A 197 6.79 -5.88 15.33
C ILE A 197 7.30 -5.59 13.93
N ILE A 198 8.54 -5.96 13.69
CA ILE A 198 9.13 -5.93 12.35
C ILE A 198 9.34 -7.37 11.85
N LEU A 199 8.77 -7.69 10.71
CA LEU A 199 8.94 -9.00 10.07
C LEU A 199 9.20 -8.81 8.57
N LYS A 200 9.82 -9.84 7.98
CA LYS A 200 10.00 -9.85 6.52
C LYS A 200 8.66 -9.58 5.83
N CYS A 201 8.71 -8.64 4.88
CA CYS A 201 7.58 -8.32 4.06
C CYS A 201 7.14 -9.56 3.22
N GLN A 202 5.89 -9.94 3.38
CA GLN A 202 5.34 -11.14 2.73
C GLN A 202 3.99 -10.87 2.10
N GLY A 203 3.62 -9.56 1.93
CA GLY A 203 2.41 -9.14 1.30
C GLY A 203 1.15 -9.38 2.10
N LEU A 204 1.29 -9.59 3.41
CA LEU A 204 0.18 -10.06 4.24
C LEU A 204 -0.74 -8.92 4.70
N PRO A 205 -1.98 -9.27 5.06
CA PRO A 205 -2.87 -8.26 5.65
C PRO A 205 -2.34 -7.63 6.91
N SER A 206 -1.50 -8.36 7.62
CA SER A 206 -0.86 -7.89 8.83
C SER A 206 0.19 -6.82 8.61
N GLN A 207 0.50 -6.58 7.33
CA GLN A 207 1.56 -5.64 6.96
C GLN A 207 1.02 -4.43 6.19
N ARG A 208 -0.29 -4.34 6.12
CA ARG A 208 -0.94 -3.24 5.40
C ARG A 208 -1.45 -2.18 6.37
N TRP A 209 -1.21 -0.91 6.06
CA TRP A 209 -1.57 0.22 6.92
C TRP A 209 -2.15 1.36 6.09
N PHE A 210 -2.96 2.18 6.74
CA PHE A 210 -3.64 3.30 6.12
C PHE A 210 -3.54 4.52 7.06
N PHE A 211 -3.04 5.66 6.55
CA PHE A 211 -2.98 6.88 7.35
C PHE A 211 -4.25 7.66 7.10
N ASN A 212 -5.13 7.63 8.08
CA ASN A 212 -6.46 8.21 7.91
C ASN A 212 -6.49 9.71 8.28
N SER A 213 -7.60 10.36 8.03
CA SER A 213 -7.68 11.83 8.22
C SER A 213 -7.67 12.24 9.70
N ASP A 214 -7.97 11.31 10.64
CA ASP A 214 -7.99 11.57 12.09
C ASP A 214 -6.62 11.47 12.76
N GLY A 215 -5.54 11.32 11.99
CA GLY A 215 -4.23 11.07 12.58
C GLY A 215 -3.97 9.65 13.05
N ALA A 216 -4.88 8.71 12.72
CA ALA A 216 -4.66 7.30 13.08
C ALA A 216 -3.91 6.57 11.97
N ILE A 217 -3.22 5.50 12.39
CA ILE A 217 -2.62 4.54 11.46
C ILE A 217 -3.36 3.21 11.61
N VAL A 218 -4.16 2.91 10.61
CA VAL A 218 -5.15 1.87 10.66
C VAL A 218 -4.65 0.59 9.93
N ASN A 219 -4.93 -0.58 10.51
CA ASN A 219 -4.70 -1.90 9.82
C ASN A 219 -6.04 -2.30 9.26
N PRO A 220 -6.22 -2.23 7.93
CA PRO A 220 -7.57 -2.41 7.42
C PRO A 220 -8.27 -3.76 7.74
N LYS A 221 -7.54 -4.87 7.70
CA LYS A 221 -8.20 -6.17 7.98
C LYS A 221 -8.82 -6.18 9.41
N SER A 222 -7.98 -5.82 10.40
CA SER A 222 -8.49 -5.88 11.78
C SER A 222 -9.42 -4.76 12.13
N ARG A 223 -9.29 -3.63 11.44
CA ARG A 223 -9.95 -2.35 11.73
C ARG A 223 -9.23 -1.51 12.81
N LEU A 224 -8.23 -2.11 13.44
CA LEU A 224 -7.62 -1.58 14.61
C LEU A 224 -6.49 -0.63 14.22
N VAL A 225 -6.07 0.16 15.17
CA VAL A 225 -5.11 1.24 14.91
C VAL A 225 -3.88 1.18 15.81
N MET A 226 -2.78 1.75 15.35
N MET A 226 -2.81 1.81 15.36
CA MET A 226 -1.54 1.72 16.15
CA MET A 226 -1.58 1.86 16.16
C MET A 226 -1.69 2.57 17.39
C MET A 226 -1.80 2.57 17.46
N ASP A 227 -1.22 2.02 18.53
CA ASP A 227 -1.54 2.54 19.87
C ASP A 227 -0.35 2.33 20.76
N VAL A 228 0.11 3.39 21.42
CA VAL A 228 1.18 3.30 22.39
C VAL A 228 0.53 2.77 23.67
N ARG A 229 0.82 1.52 23.96
CA ARG A 229 0.11 0.74 24.98
C ARG A 229 0.02 1.48 26.27
N ALA A 230 -1.21 1.64 26.74
CA ALA A 230 -1.49 2.29 28.03
C ALA A 230 -0.97 3.72 28.17
N SER A 231 -0.76 4.41 27.05
CA SER A 231 -0.10 5.70 27.08
C SER A 231 1.19 5.67 27.96
N ASN A 232 1.89 4.53 27.88
CA ASN A 232 3.11 4.29 28.68
C ASN A 232 4.27 3.98 27.78
N VAL A 233 5.05 5.01 27.46
CA VAL A 233 6.17 4.83 26.53
C VAL A 233 7.22 3.88 27.09
N SER A 234 7.36 3.82 28.42
N SER A 234 7.33 3.83 28.41
CA SER A 234 8.33 2.92 29.03
CA SER A 234 8.28 2.94 29.08
C SER A 234 8.02 1.42 28.89
C SER A 234 8.02 1.44 28.91
N LEU A 235 6.79 1.06 28.55
CA LEU A 235 6.48 -0.35 28.26
C LEU A 235 7.18 -0.82 26.98
N ARG A 236 7.50 0.14 26.09
CA ARG A 236 8.12 -0.21 24.80
C ARG A 236 7.31 -1.27 24.08
N GLU A 237 6.00 -0.95 24.02
CA GLU A 237 5.03 -1.79 23.28
C GLU A 237 4.06 -0.93 22.54
N ILE A 238 4.00 -1.20 21.23
CA ILE A 238 2.98 -0.61 20.35
C ILE A 238 2.08 -1.78 19.93
N ILE A 239 0.78 -1.56 20.10
CA ILE A 239 -0.22 -2.57 19.82
C ILE A 239 -1.18 -2.05 18.79
N ILE A 240 -2.00 -2.96 18.29
CA ILE A 240 -3.23 -2.56 17.65
C ILE A 240 -4.36 -2.53 18.68
N PHE A 241 -5.25 -1.58 18.53
CA PHE A 241 -6.36 -1.36 19.45
C PHE A 241 -7.46 -0.64 18.72
N PRO A 242 -8.70 -0.77 19.18
CA PRO A 242 -9.76 0.03 18.62
C PRO A 242 -9.51 1.54 18.69
N ALA A 243 -9.88 2.27 17.65
CA ALA A 243 -9.68 3.73 17.60
C ALA A 243 -10.45 4.46 18.69
N THR A 244 -9.74 5.29 19.44
CA THR A 244 -10.29 6.07 20.55
C THR A 244 -10.18 7.58 20.38
N GLY A 245 -9.36 8.02 19.44
CA GLY A 245 -9.08 9.46 19.28
C GLY A 245 -8.12 10.08 20.28
N ASN A 246 -7.61 9.24 21.17
CA ASN A 246 -6.74 9.70 22.27
C ASN A 246 -5.32 9.99 21.77
N PRO A 247 -4.56 10.82 22.49
CA PRO A 247 -3.22 11.18 22.05
C PRO A 247 -2.28 9.99 21.76
N ASN A 248 -2.47 8.87 22.46
CA ASN A 248 -1.60 7.70 22.27
C ASN A 248 -1.90 6.93 20.98
N GLN A 249 -2.84 7.43 20.19
CA GLN A 249 -3.15 6.88 18.89
C GLN A 249 -3.02 7.90 17.75
N GLN A 250 -2.45 9.07 18.03
CA GLN A 250 -2.30 10.13 17.05
C GLN A 250 -0.89 10.13 16.55
N TRP A 251 -0.76 10.27 15.24
CA TRP A 251 0.52 10.15 14.55
C TRP A 251 0.54 11.20 13.41
N VAL A 252 1.73 11.74 13.13
N VAL A 252 1.73 11.64 13.04
CA VAL A 252 2.01 12.58 11.98
CA VAL A 252 1.89 12.38 11.82
C VAL A 252 3.27 12.04 11.26
C VAL A 252 3.27 12.15 11.26
N THR A 253 3.33 12.14 9.94
CA THR A 253 4.54 11.89 9.22
C THR A 253 5.29 13.23 9.09
N GLN A 254 6.59 13.17 9.31
CA GLN A 254 7.45 14.30 9.12
C GLN A 254 8.57 13.92 8.16
N VAL A 255 8.49 14.45 6.95
CA VAL A 255 9.40 14.15 5.90
C VAL A 255 10.81 14.49 6.34
N LEU A 256 11.71 13.59 5.97
CA LEU A 256 13.13 13.67 6.34
C LEU A 256 13.95 14.32 5.21
N PRO A 257 15.06 15.04 5.56
CA PRO A 257 15.90 15.62 4.57
C PRO A 257 16.75 14.59 3.84
C1 NAG B . -8.87 -16.95 -4.35
C2 NAG B . -9.30 -17.96 -3.25
C3 NAG B . -8.21 -18.32 -2.23
C4 NAG B . -6.89 -18.63 -2.90
C5 NAG B . -6.53 -17.47 -3.85
C6 NAG B . -5.23 -17.82 -4.59
C7 NAG B . -11.64 -17.90 -2.59
C8 NAG B . -12.60 -17.38 -1.53
N2 NAG B . -10.41 -17.40 -2.51
O3 NAG B . -8.70 -19.44 -1.48
O4 NAG B . -5.84 -18.86 -1.97
O5 NAG B . -7.57 -17.31 -4.82
O6 NAG B . -5.49 -18.92 -5.45
O7 NAG B . -12.03 -18.72 -3.41
C1 FUC B . -9.09 -19.14 -0.09
C2 FUC B . -9.90 -20.35 0.34
C3 FUC B . -9.02 -21.57 0.54
C4 FUC B . -7.91 -21.23 1.53
C5 FUC B . -7.15 -20.03 1.02
C6 FUC B . -5.99 -19.66 1.93
O2 FUC B . -10.88 -20.68 -0.63
O3 FUC B . -9.87 -22.60 1.03
O4 FUC B . -8.47 -20.91 2.81
O5 FUC B . -8.05 -18.95 0.86
C1 NAG B . -5.19 -20.14 -2.18
C2 NAG B . -3.95 -20.26 -1.33
C3 NAG B . -3.22 -21.55 -1.59
C4 NAG B . -4.12 -22.73 -1.35
C5 NAG B . -5.38 -22.50 -2.18
C6 NAG B . -6.37 -23.63 -1.98
C7 NAG B . -2.78 -18.20 -0.83
C8 NAG B . -1.52 -17.43 -1.16
N2 NAG B . -3.05 -19.18 -1.67
O3 NAG B . -2.13 -21.65 -0.69
O4 NAG B . -3.39 -23.94 -1.66
O5 NAG B . -6.01 -21.24 -1.89
O6 NAG B . -7.43 -23.40 -2.87
O7 NAG B . -3.50 -17.92 0.15
C1 NAG C . -11.22 0.40 -30.55
C2 NAG C . -10.18 1.22 -31.30
C3 NAG C . -10.92 2.11 -32.31
C4 NAG C . -11.80 1.24 -33.21
C5 NAG C . -12.71 0.38 -32.38
C6 NAG C . -13.61 -0.56 -33.16
C7 NAG C . -8.11 1.96 -30.20
C8 NAG C . -7.48 2.87 -29.21
N2 NAG C . -9.44 2.04 -30.36
O3 NAG C . -9.95 2.83 -33.07
O4 NAG C . -12.57 2.15 -33.99
O5 NAG C . -11.93 -0.41 -31.48
O6 NAG C . -12.80 -1.50 -33.81
O7 NAG C . -7.38 1.19 -30.80
C1 FUC C . -9.79 4.17 -32.54
C2 FUC C . -8.55 4.80 -33.15
C3 FUC C . -8.75 4.93 -34.66
C4 FUC C . -9.98 5.77 -34.97
C5 FUC C . -11.13 5.04 -34.28
C6 FUC C . -12.47 5.69 -34.55
O2 FUC C . -7.44 3.94 -32.90
O3 FUC C . -7.61 5.45 -35.26
O4 FUC C . -9.79 7.08 -34.48
O5 FUC C . -10.90 4.98 -32.87
C1 NAG C . -12.46 1.78 -35.39
C2 NAG C . -13.54 2.53 -36.15
C3 NAG C . -13.41 2.38 -37.66
C4 NAG C . -11.96 2.47 -38.09
C5 NAG C . -11.06 1.57 -37.22
C6 NAG C . -9.58 1.59 -37.59
C7 NAG C . -15.60 2.71 -34.92
C8 NAG C . -16.89 2.04 -34.52
N2 NAG C . -14.81 2.00 -35.71
O3 NAG C . -14.18 3.41 -38.30
O4 NAG C . -11.89 2.06 -39.44
O5 NAG C . -11.18 2.07 -35.92
O6 NAG C . -9.02 2.80 -37.18
O7 NAG C . -15.31 3.86 -34.52
C1 NAG D . 16.51 5.75 3.05
C2 NAG D . 17.63 6.77 3.24
C3 NAG D . 18.16 7.12 1.85
C4 NAG D . 18.49 5.92 0.94
C5 NAG D . 17.33 4.96 0.98
C6 NAG D . 17.60 3.66 0.25
C7 NAG D . 16.47 8.86 3.73
C8 NAG D . 16.23 10.01 4.65
N2 NAG D . 17.37 7.94 4.11
O3 NAG D . 19.30 7.93 2.03
O4 NAG D . 18.64 6.29 -0.44
O5 NAG D . 17.03 4.65 2.34
O6 NAG D . 18.78 3.14 0.81
O7 NAG D . 15.86 8.82 2.66
C1 NAG D . 19.92 6.14 -1.07
C2 NAG D . 19.61 6.13 -2.57
C3 NAG D . 20.87 6.32 -3.43
C4 NAG D . 21.75 7.41 -2.87
C5 NAG D . 21.96 7.22 -1.36
C6 NAG D . 22.71 8.43 -0.82
C7 NAG D . 17.58 4.94 -3.33
C8 NAG D . 17.06 3.65 -3.87
N2 NAG D . 18.87 4.95 -2.97
O3 NAG D . 20.49 6.66 -4.77
O4 NAG D . 23.00 7.46 -3.55
O5 NAG D . 20.70 7.25 -0.73
O6 NAG D . 21.91 9.57 -1.07
O7 NAG D . 16.81 5.92 -3.23
C1 NAG E . 4.77 2.30 32.71
C2 NAG E . 4.26 2.23 34.15
C3 NAG E . 5.39 1.96 35.15
C4 NAG E . 6.20 0.72 34.75
C5 NAG E . 6.65 0.95 33.30
C6 NAG E . 7.63 -0.07 32.74
C7 NAG E . 2.32 3.47 34.84
C8 NAG E . 1.72 4.78 35.19
N2 NAG E . 3.60 3.47 34.45
O3 NAG E . 4.92 1.89 36.47
O4 NAG E . 7.35 0.56 35.59
O5 NAG E . 5.49 1.13 32.43
O6 NAG E . 7.07 -1.37 32.66
O7 NAG E . 1.63 2.45 34.93
O5 A2G F . 9.29 -4.51 -21.45
C1 A2G F . 9.80 -3.25 -21.90
O1 A2G F . 11.14 -3.08 -21.39
C2 A2G F . 8.81 -2.17 -21.43
N2 A2G F . 9.25 -0.81 -21.81
C3 A2G F . 8.63 -2.24 -19.91
O3 A2G F . 7.71 -1.23 -19.48
C4 A2G F . 8.22 -3.66 -19.49
O4 A2G F . 6.91 -3.91 -20.01
C5 A2G F . 9.23 -4.67 -20.04
C6 A2G F . 9.03 -6.13 -19.70
O6 A2G F . 7.76 -6.64 -20.13
C7 A2G F . 8.75 -0.21 -22.91
O7 A2G F . 7.97 -0.78 -23.67
C8 A2G F . 9.25 1.16 -23.23
O5 A2G G . -4.59 0.43 27.46
C1 A2G G . -5.28 1.66 27.69
O1 A2G G . -6.72 1.55 27.76
C2 A2G G . -4.95 2.61 26.55
N2 A2G G . -5.74 3.83 26.71
C3 A2G G . -5.34 1.95 25.25
O3 A2G G . -5.08 2.88 24.19
C4 A2G G . -4.59 0.61 25.08
O4 A2G G . -3.18 0.82 25.01
C5 A2G G . -4.91 -0.29 26.28
C6 A2G G . -4.23 -1.64 26.25
O6 A2G G . -4.67 -2.42 27.36
C7 A2G G . -5.20 4.89 27.35
O7 A2G G . -4.06 4.87 27.82
C8 A2G G . -6.05 6.12 27.45
C1 NGA H . 10.14 -3.40 -21.64
C2 NGA H . 9.20 -2.33 -21.08
C3 NGA H . 9.07 -2.39 -19.56
C4 NGA H . 8.61 -3.78 -19.15
C5 NGA H . 9.66 -4.78 -19.66
C6 NGA H . 9.40 -6.19 -19.12
C7 NGA H . 9.41 -0.32 -22.47
C8 NGA H . 10.08 1.03 -22.57
N2 NGA H . 9.74 -1.00 -21.38
O1 NGA H . 10.07 -3.40 -23.07
O3 NGA H . 8.24 -1.31 -19.10
O4 NGA H . 7.33 -4.10 -19.72
O5 NGA H . 9.78 -4.68 -21.08
O6 NGA H . 8.24 -6.82 -19.66
O7 NGA H . 8.66 -0.80 -23.32
C1 NGA I . -5.49 2.22 27.75
C2 NGA I . -5.22 3.03 26.49
C3 NGA I . -5.80 2.32 25.27
C4 NGA I . -5.01 1.05 25.11
C5 NGA I . -5.18 0.20 26.38
C6 NGA I . -4.30 -1.02 26.45
C7 NGA I . -5.08 5.36 26.96
C8 NGA I . -5.75 6.69 27.00
N2 NGA I . -5.86 4.34 26.55
O1 NGA I . -4.81 2.79 28.88
O3 NGA I . -5.64 3.16 24.12
O4 NGA I . -3.61 1.33 24.92
O5 NGA I . -4.86 0.96 27.54
O6 NGA I . -4.63 -1.77 27.62
O7 NGA I . -3.90 5.20 27.30
S SO4 J . -11.84 4.06 -28.43
O1 SO4 J . -12.47 3.24 -29.48
O2 SO4 J . -10.38 4.06 -28.55
O3 SO4 J . -12.33 5.44 -28.60
O4 SO4 J . -12.27 3.51 -27.14
S SO4 K . 7.94 -12.26 -21.13
O1 SO4 K . 9.01 -12.18 -20.06
O2 SO4 K . 8.67 -12.69 -22.33
O3 SO4 K . 6.81 -13.09 -20.80
O4 SO4 K . 7.57 -10.83 -21.05
S SO4 L . 19.58 3.94 16.03
S SO4 L . 20.35 3.84 14.28
O1 SO4 L . 19.46 2.80 16.95
O1 SO4 L . 21.04 3.54 15.53
O2 SO4 L . 18.89 3.64 14.76
O2 SO4 L . 20.45 2.65 13.43
O3 SO4 L . 19.02 5.16 16.64
O3 SO4 L . 18.96 4.17 14.54
O4 SO4 L . 21.00 4.16 15.68
O4 SO4 L . 20.99 4.98 13.59
S SO4 M . 1.92 12.70 -18.78
O1 SO4 M . 0.88 12.33 -19.81
O2 SO4 M . 2.59 13.99 -19.23
O3 SO4 M . 1.30 12.92 -17.52
O4 SO4 M . 2.84 11.53 -18.70
S SO4 N . -21.35 -4.18 -22.53
O1 SO4 N . -21.85 -3.49 -21.35
O2 SO4 N . -20.99 -5.54 -22.23
O3 SO4 N . -22.42 -4.20 -23.53
O4 SO4 N . -20.23 -3.40 -23.07
S SO4 O . -0.52 8.46 -23.92
O1 SO4 O . -0.80 8.91 -22.50
O2 SO4 O . 0.71 7.61 -23.97
O3 SO4 O . -1.77 7.78 -24.46
O4 SO4 O . -0.29 9.68 -24.75
S SO4 P . -1.53 -9.36 27.38
O1 SO4 P . -2.24 -8.73 28.50
O2 SO4 P . -1.86 -10.78 27.33
O3 SO4 P . -1.94 -8.77 26.11
O4 SO4 P . -0.09 -9.19 27.56
C ACT Q . -9.89 -9.87 -22.99
O ACT Q . -10.69 -9.12 -22.27
OXT ACT Q . -10.24 -10.56 -23.99
CH3 ACT Q . -8.49 -9.98 -22.69
#